data_2GO4
#
_entry.id   2GO4
#
_cell.length_a   100.729
_cell.length_b   100.729
_cell.length_c   121.299
_cell.angle_alpha   90.00
_cell.angle_beta   90.00
_cell.angle_gamma   120.00
#
_symmetry.space_group_name_H-M   'P 61'
#
loop_
_entity.id
_entity.type
_entity.pdbx_description
1 polymer 'UDP-3-O-[3-hydroxymyristoyl] N-acetylglucosamine deacetylase'
2 non-polymer 'ZINC ION'
3 non-polymer 'CHLORIDE ION'
4 non-polymer 1,5-ANHYDRO-2-C-(CARBOXYMETHYL-N-HYDROXYAMIDE)-2-DEOXY-3-O-MYRISTOYL-D-GLUCITOL
5 water water
#
_entity_poly.entity_id   1
_entity_poly.type   'polypeptide(L)'
_entity_poly.pdbx_seq_one_letter_code
;MGLEKTVKEKLSFEGVGIHTGEYSKLIIHPEKEGTGIRFFKNGVYIPARHEFVVHTNHSTDLGFKGQRIKTVEHILSVLH
LLEITNVTIEVIGNEIPILDGSGWEFYEAIRKNILNQNREIDYFVVEEPIIVEDEGRLIKAEPSDTLEVTYEGEFKNFLG
RQKFTFVEGNEEEIVLARTFAFDWEIEHIKKVGLGKGGSLKNTLVLGKDKVYNPEGLRYENEPVRHKVFDLIGDLYLLGS
PVKGKFYSFRGGHSLNVKLVKELAKKQ
;
_entity_poly.pdbx_strand_id   A,B
#
# COMPACT_ATOMS: atom_id res chain seq x y z
N GLY A 2 -1.50 -0.02 -43.34
CA GLY A 2 -2.44 0.46 -42.30
C GLY A 2 -2.89 1.90 -42.47
N LEU A 3 -4.14 2.16 -42.12
CA LEU A 3 -4.69 3.50 -42.23
C LEU A 3 -4.50 4.21 -40.90
N GLU A 4 -4.44 5.54 -40.93
CA GLU A 4 -4.32 6.29 -39.71
C GLU A 4 -5.63 6.06 -38.96
N LYS A 5 -5.62 6.13 -37.63
CA LYS A 5 -6.85 5.90 -36.87
C LYS A 5 -7.01 6.89 -35.74
N THR A 6 -8.24 6.97 -35.25
CA THR A 6 -8.60 7.82 -34.12
C THR A 6 -9.70 7.09 -33.38
N VAL A 7 -10.35 7.77 -32.45
CA VAL A 7 -11.43 7.15 -31.71
C VAL A 7 -12.78 7.64 -32.19
N LYS A 8 -13.78 6.77 -32.09
CA LYS A 8 -15.13 7.10 -32.52
C LYS A 8 -15.69 8.23 -31.67
N GLU A 9 -15.34 8.20 -30.40
CA GLU A 9 -15.80 9.21 -29.45
C GLU A 9 -14.80 9.39 -28.33
N LYS A 10 -14.93 10.49 -27.59
CA LYS A 10 -14.03 10.78 -26.49
C LYS A 10 -14.14 9.69 -25.42
N LEU A 11 -12.99 9.22 -24.94
CA LEU A 11 -12.93 8.17 -23.91
C LEU A 11 -12.37 8.74 -22.62
N SER A 12 -12.91 8.27 -21.49
CA SER A 12 -12.48 8.74 -20.19
C SER A 12 -11.89 7.66 -19.31
N PHE A 13 -10.80 8.01 -18.65
CA PHE A 13 -10.13 7.12 -17.73
C PHE A 13 -9.70 7.98 -16.57
N GLU A 14 -9.94 7.49 -15.35
CA GLU A 14 -9.53 8.25 -14.19
C GLU A 14 -9.02 7.29 -13.14
N GLY A 15 -8.27 7.83 -12.19
CA GLY A 15 -7.70 7.01 -11.14
C GLY A 15 -6.46 7.70 -10.62
N VAL A 16 -5.81 7.09 -9.65
CA VAL A 16 -4.62 7.65 -9.07
C VAL A 16 -3.39 7.37 -9.95
N GLY A 17 -2.44 8.30 -9.91
CA GLY A 17 -1.21 8.12 -10.65
C GLY A 17 -0.30 7.34 -9.74
N ILE A 18 0.42 6.36 -10.27
CA ILE A 18 1.29 5.55 -9.43
C ILE A 18 2.43 6.30 -8.72
N HIS A 19 2.91 7.38 -9.31
CA HIS A 19 3.99 8.12 -8.68
C HIS A 19 3.57 9.32 -7.85
N THR A 20 2.61 10.11 -8.35
CA THR A 20 2.18 11.31 -7.65
C THR A 20 1.24 11.00 -6.49
N GLY A 21 0.60 9.85 -6.53
CA GLY A 21 -0.33 9.51 -5.48
C GLY A 21 -1.60 10.33 -5.64
N GLU A 22 -1.58 11.27 -6.59
CA GLU A 22 -2.73 12.13 -6.86
C GLU A 22 -3.73 11.48 -7.82
N TYR A 23 -4.98 11.90 -7.73
CA TYR A 23 -6.02 11.38 -8.60
C TYR A 23 -5.98 12.19 -9.88
N SER A 24 -6.13 11.53 -11.01
CA SER A 24 -6.10 12.22 -12.30
C SER A 24 -7.10 11.63 -13.28
N LYS A 25 -7.30 12.36 -14.37
CA LYS A 25 -8.24 11.95 -15.39
C LYS A 25 -7.73 12.20 -16.81
N LEU A 26 -8.03 11.25 -17.68
CA LEU A 26 -7.64 11.32 -19.09
C LEU A 26 -8.88 11.43 -19.95
N ILE A 27 -8.79 12.25 -20.99
CA ILE A 27 -9.89 12.37 -21.92
C ILE A 27 -9.27 12.27 -23.31
N ILE A 28 -9.50 11.15 -23.96
CA ILE A 28 -8.95 10.94 -25.29
C ILE A 28 -9.91 11.52 -26.30
N HIS A 29 -9.46 12.58 -26.96
CA HIS A 29 -10.27 13.29 -27.95
C HIS A 29 -9.89 12.94 -29.38
N PRO A 30 -10.88 12.73 -30.23
CA PRO A 30 -10.65 12.40 -31.64
C PRO A 30 -9.99 13.57 -32.36
N GLU A 31 -9.09 13.27 -33.30
CA GLU A 31 -8.40 14.30 -34.07
C GLU A 31 -8.38 13.83 -35.51
N LYS A 32 -8.11 14.74 -36.44
CA LYS A 32 -8.09 14.42 -37.86
C LYS A 32 -6.74 13.86 -38.33
N GLU A 33 -6.72 13.42 -39.58
CA GLU A 33 -5.53 12.87 -40.21
C GLU A 33 -4.35 13.81 -40.05
N GLY A 34 -3.15 13.24 -39.96
CA GLY A 34 -1.94 14.03 -39.81
C GLY A 34 -1.78 14.83 -38.51
N THR A 35 -2.74 14.71 -37.59
CA THR A 35 -2.65 15.43 -36.33
C THR A 35 -1.55 14.86 -35.44
N GLY A 36 -1.49 13.53 -35.41
CA GLY A 36 -0.50 12.84 -34.58
C GLY A 36 -1.05 12.62 -33.19
N ILE A 37 -0.20 12.17 -32.29
CA ILE A 37 -0.60 11.93 -30.91
C ILE A 37 0.00 13.03 -30.06
N ARG A 38 -0.86 13.71 -29.29
CA ARG A 38 -0.37 14.76 -28.42
C ARG A 38 -1.19 14.85 -27.14
N PHE A 39 -0.51 15.23 -26.07
CA PHE A 39 -1.18 15.40 -24.78
C PHE A 39 -1.57 16.87 -24.62
N PHE A 40 -2.56 17.10 -23.78
CA PHE A 40 -3.02 18.45 -23.50
C PHE A 40 -3.17 18.65 -22.01
N LYS A 41 -2.49 19.67 -21.48
CA LYS A 41 -2.55 19.98 -20.05
C LYS A 41 -2.40 21.47 -19.86
N ASN A 42 -3.27 22.03 -19.02
CA ASN A 42 -3.27 23.46 -18.72
C ASN A 42 -2.92 24.32 -19.92
N GLY A 43 -3.72 24.20 -20.99
CA GLY A 43 -3.51 24.99 -22.18
C GLY A 43 -2.36 24.62 -23.09
N VAL A 44 -1.46 23.74 -22.67
CA VAL A 44 -0.36 23.37 -23.55
C VAL A 44 -0.51 22.00 -24.22
N TYR A 45 -0.04 21.92 -25.46
CA TYR A 45 -0.06 20.67 -26.20
C TYR A 45 1.34 20.07 -26.16
N ILE A 46 1.45 18.85 -25.66
CA ILE A 46 2.73 18.19 -25.58
C ILE A 46 2.71 16.98 -26.51
N PRO A 47 3.51 17.04 -27.59
CA PRO A 47 3.61 15.97 -28.57
C PRO A 47 4.22 14.72 -27.97
N ALA A 48 3.65 13.56 -28.29
CA ALA A 48 4.19 12.30 -27.79
C ALA A 48 5.44 11.99 -28.62
N ARG A 49 6.46 12.83 -28.45
CA ARG A 49 7.71 12.68 -29.17
C ARG A 49 8.88 12.76 -28.20
N HIS A 50 10.01 12.17 -28.56
CA HIS A 50 11.18 12.15 -27.69
C HIS A 50 11.73 13.51 -27.31
N GLU A 51 11.58 14.49 -28.18
CA GLU A 51 12.06 15.83 -27.90
C GLU A 51 11.46 16.40 -26.61
N PHE A 52 10.33 15.84 -26.19
CA PHE A 52 9.65 16.34 -25.00
C PHE A 52 9.80 15.48 -23.74
N VAL A 53 10.64 14.46 -23.79
CA VAL A 53 10.86 13.62 -22.62
C VAL A 53 11.65 14.43 -21.60
N VAL A 54 11.27 14.37 -20.33
CA VAL A 54 12.00 15.15 -19.32
C VAL A 54 12.47 14.30 -18.14
N HIS A 55 11.98 13.06 -18.10
CA HIS A 55 12.35 12.15 -17.02
C HIS A 55 12.19 10.73 -17.53
N THR A 56 13.13 9.87 -17.14
CA THR A 56 13.07 8.49 -17.58
C THR A 56 13.39 7.51 -16.45
N ASN A 57 13.32 8.00 -15.22
CA ASN A 57 13.57 7.16 -14.06
C ASN A 57 12.25 6.67 -13.50
N HIS A 58 12.01 5.36 -13.57
CA HIS A 58 10.78 4.78 -13.04
C HIS A 58 9.53 5.09 -13.85
N SER A 59 9.70 5.83 -14.93
CA SER A 59 8.58 6.18 -15.80
C SER A 59 9.09 7.10 -16.86
N THR A 60 8.30 7.30 -17.90
CA THR A 60 8.68 8.20 -18.96
C THR A 60 7.73 9.38 -18.85
N ASP A 61 8.33 10.56 -18.67
CA ASP A 61 7.55 11.78 -18.54
C ASP A 61 7.85 12.74 -19.66
N LEU A 62 6.80 13.42 -20.11
CA LEU A 62 6.91 14.40 -21.18
C LEU A 62 6.58 15.77 -20.63
N GLY A 63 7.21 16.78 -21.18
CA GLY A 63 6.96 18.12 -20.72
C GLY A 63 7.20 19.16 -21.79
N PHE A 64 6.66 20.34 -21.56
CA PHE A 64 6.83 21.44 -22.48
C PHE A 64 6.24 22.72 -21.92
N LYS A 65 7.00 23.81 -22.05
CA LYS A 65 6.55 25.10 -21.58
C LYS A 65 6.01 25.09 -20.14
N GLY A 66 6.75 24.45 -19.24
CA GLY A 66 6.34 24.39 -17.85
C GLY A 66 5.28 23.37 -17.47
N GLN A 67 4.83 22.57 -18.43
CA GLN A 67 3.81 21.57 -18.13
C GLN A 67 4.43 20.17 -18.26
N ARG A 68 4.28 19.37 -17.22
CA ARG A 68 4.83 18.02 -17.24
C ARG A 68 3.73 16.97 -17.09
N ILE A 69 3.93 15.81 -17.71
CA ILE A 69 2.98 14.71 -17.60
C ILE A 69 3.80 13.45 -17.35
N LYS A 70 3.57 12.83 -16.19
CA LYS A 70 4.30 11.63 -15.83
C LYS A 70 3.63 10.34 -16.27
N THR A 71 4.47 9.36 -16.62
CA THR A 71 4.05 8.02 -17.00
C THR A 71 3.14 7.94 -18.20
N VAL A 72 3.67 8.33 -19.36
CA VAL A 72 2.88 8.30 -20.59
C VAL A 72 3.04 7.00 -21.34
N GLU A 73 3.99 6.19 -20.88
CA GLU A 73 4.30 4.92 -21.52
C GLU A 73 3.20 3.87 -21.68
N HIS A 74 2.38 3.67 -20.67
CA HIS A 74 1.35 2.65 -20.81
C HIS A 74 0.24 3.00 -21.81
N ILE A 75 -0.20 4.25 -21.80
CA ILE A 75 -1.22 4.68 -22.72
C ILE A 75 -0.56 4.71 -24.12
N LEU A 76 0.66 5.21 -24.18
CA LEU A 76 1.35 5.27 -25.46
C LEU A 76 1.54 3.89 -26.08
N SER A 77 1.86 2.91 -25.24
CA SER A 77 2.08 1.55 -25.70
C SER A 77 0.79 1.00 -26.28
N VAL A 78 -0.29 1.15 -25.54
CA VAL A 78 -1.59 0.67 -26.00
C VAL A 78 -1.95 1.36 -27.31
N LEU A 79 -1.71 2.67 -27.37
CA LEU A 79 -2.03 3.41 -28.59
C LEU A 79 -1.20 2.88 -29.74
N HIS A 80 0.09 2.67 -29.48
CA HIS A 80 0.97 2.16 -30.50
C HIS A 80 0.52 0.79 -30.99
N LEU A 81 0.05 -0.05 -30.08
CA LEU A 81 -0.38 -1.38 -30.45
C LEU A 81 -1.65 -1.40 -31.27
N LEU A 82 -2.53 -0.42 -31.07
CA LEU A 82 -3.79 -0.37 -31.81
C LEU A 82 -3.70 0.52 -33.02
N GLU A 83 -2.52 1.07 -33.26
CA GLU A 83 -2.28 1.97 -34.38
C GLU A 83 -3.12 3.23 -34.38
N ILE A 84 -3.45 3.77 -33.21
CA ILE A 84 -4.19 5.02 -33.15
C ILE A 84 -3.12 6.06 -33.42
N THR A 85 -3.31 6.85 -34.47
CA THR A 85 -2.31 7.83 -34.85
C THR A 85 -2.68 9.29 -34.61
N ASN A 86 -3.96 9.57 -34.39
CA ASN A 86 -4.39 10.94 -34.19
C ASN A 86 -5.38 11.10 -33.05
N VAL A 87 -4.90 11.65 -31.95
CA VAL A 87 -5.73 11.91 -30.77
C VAL A 87 -5.03 12.90 -29.85
N THR A 88 -5.84 13.61 -29.08
CA THR A 88 -5.34 14.57 -28.12
C THR A 88 -5.69 13.94 -26.79
N ILE A 89 -4.70 13.82 -25.92
CA ILE A 89 -4.95 13.24 -24.61
C ILE A 89 -4.97 14.36 -23.58
N GLU A 90 -6.17 14.75 -23.17
CA GLU A 90 -6.36 15.79 -22.19
C GLU A 90 -6.07 15.21 -20.82
N VAL A 91 -5.07 15.78 -20.16
CA VAL A 91 -4.70 15.30 -18.85
C VAL A 91 -5.06 16.26 -17.73
N ILE A 92 -5.85 15.76 -16.80
CA ILE A 92 -6.23 16.53 -15.63
C ILE A 92 -5.43 15.92 -14.49
N GLY A 93 -4.26 16.51 -14.23
CA GLY A 93 -3.40 16.00 -13.18
C GLY A 93 -1.98 16.13 -13.70
N ASN A 94 -1.05 15.40 -13.09
CA ASN A 94 0.33 15.48 -13.51
C ASN A 94 0.83 14.15 -14.00
N GLU A 95 -0.02 13.15 -13.89
CA GLU A 95 0.36 11.82 -14.29
C GLU A 95 -0.82 11.04 -14.87
N ILE A 96 -0.54 10.10 -15.77
CA ILE A 96 -1.59 9.30 -16.36
C ILE A 96 -2.02 8.34 -15.26
N PRO A 97 -3.30 8.00 -15.20
CA PRO A 97 -3.77 7.06 -14.17
C PRO A 97 -3.09 5.71 -14.43
N ILE A 98 -2.57 5.07 -13.39
CA ILE A 98 -1.90 3.79 -13.56
C ILE A 98 -2.92 2.67 -13.70
N LEU A 99 -4.09 2.89 -13.15
CA LEU A 99 -5.18 1.91 -13.16
C LEU A 99 -4.70 0.61 -12.53
N ASP A 100 -4.81 -0.51 -13.24
CA ASP A 100 -4.40 -1.78 -12.67
C ASP A 100 -2.90 -2.07 -12.85
N GLY A 101 -2.18 -1.13 -13.45
CA GLY A 101 -0.75 -1.31 -13.66
C GLY A 101 -0.38 -1.82 -15.04
N SER A 102 -1.35 -2.30 -15.80
CA SER A 102 -1.07 -2.80 -17.15
C SER A 102 -1.79 -1.88 -18.13
N GLY A 103 -2.03 -2.38 -19.34
CA GLY A 103 -2.72 -1.57 -20.33
C GLY A 103 -4.07 -2.14 -20.71
N TRP A 104 -4.57 -3.09 -19.91
CA TRP A 104 -5.83 -3.75 -20.17
C TRP A 104 -7.06 -2.82 -20.31
N GLU A 105 -7.33 -2.03 -19.28
CA GLU A 105 -8.47 -1.13 -19.31
C GLU A 105 -8.36 -0.16 -20.48
N PHE A 106 -7.15 0.28 -20.80
CA PHE A 106 -6.90 1.19 -21.92
C PHE A 106 -7.17 0.51 -23.25
N TYR A 107 -6.61 -0.68 -23.37
CA TYR A 107 -6.73 -1.51 -24.56
C TYR A 107 -8.18 -1.84 -24.86
N GLU A 108 -8.87 -2.44 -23.90
CA GLU A 108 -10.26 -2.81 -24.08
C GLU A 108 -11.10 -1.68 -24.64
N ALA A 109 -11.09 -0.56 -23.95
CA ALA A 109 -11.86 0.62 -24.34
C ALA A 109 -11.50 1.14 -25.74
N ILE A 110 -10.24 1.49 -25.94
CA ILE A 110 -9.79 2.04 -27.21
C ILE A 110 -10.02 1.07 -28.39
N ARG A 111 -9.79 -0.20 -28.16
CA ARG A 111 -9.96 -1.23 -29.19
C ARG A 111 -11.35 -1.23 -29.78
N LYS A 112 -12.35 -1.24 -28.89
CA LYS A 112 -13.74 -1.24 -29.32
C LYS A 112 -14.25 0.18 -29.58
N ASN A 113 -13.40 1.02 -30.14
CA ASN A 113 -13.78 2.41 -30.43
C ASN A 113 -12.90 3.02 -31.49
N ILE A 114 -12.26 2.18 -32.29
CA ILE A 114 -11.38 2.68 -33.34
C ILE A 114 -12.15 3.30 -34.50
N LEU A 115 -11.49 4.21 -35.20
CA LEU A 115 -12.07 4.87 -36.37
C LEU A 115 -10.99 4.98 -37.43
N ASN A 116 -11.10 4.16 -38.48
CA ASN A 116 -10.13 4.23 -39.56
C ASN A 116 -10.33 5.54 -40.26
N GLN A 117 -9.23 6.16 -40.65
CA GLN A 117 -9.30 7.45 -41.33
C GLN A 117 -8.81 7.35 -42.76
N ASN A 118 -8.67 8.48 -43.43
CA ASN A 118 -8.25 8.47 -44.83
C ASN A 118 -6.80 8.78 -45.12
N ARG A 119 -5.93 7.87 -44.72
CA ARG A 119 -4.51 8.04 -44.96
C ARG A 119 -3.72 6.80 -44.55
N GLU A 120 -2.77 6.41 -45.40
CA GLU A 120 -1.92 5.26 -45.12
C GLU A 120 -0.94 5.71 -44.05
N ILE A 121 -0.82 4.92 -42.99
CA ILE A 121 0.08 5.24 -41.90
C ILE A 121 1.49 5.43 -42.43
N ASP A 122 2.14 6.49 -41.97
CA ASP A 122 3.51 6.78 -42.37
C ASP A 122 4.40 6.16 -41.31
N TYR A 123 4.57 4.85 -41.38
CA TYR A 123 5.38 4.13 -40.42
C TYR A 123 6.82 4.57 -40.34
N PHE A 124 7.38 4.51 -39.13
CA PHE A 124 8.79 4.81 -38.96
C PHE A 124 9.43 3.44 -39.14
N VAL A 125 10.31 3.32 -40.12
CA VAL A 125 10.95 2.05 -40.38
C VAL A 125 12.43 2.06 -40.07
N VAL A 126 12.87 1.02 -39.37
CA VAL A 126 14.28 0.88 -39.02
C VAL A 126 14.96 0.44 -40.30
N GLU A 127 15.78 1.32 -40.86
CA GLU A 127 16.49 1.06 -42.11
C GLU A 127 17.79 0.31 -41.89
N GLU A 128 18.62 0.82 -41.00
CA GLU A 128 19.89 0.15 -40.72
C GLU A 128 19.96 -0.27 -39.26
N PRO A 129 20.71 -1.34 -38.97
CA PRO A 129 20.84 -1.83 -37.60
C PRO A 129 21.31 -0.70 -36.68
N ILE A 130 21.34 -0.98 -35.39
CA ILE A 130 21.77 0.02 -34.44
C ILE A 130 21.72 -0.56 -33.03
N ILE A 131 22.70 -0.20 -32.20
CA ILE A 131 22.76 -0.69 -30.84
C ILE A 131 23.17 0.40 -29.86
N VAL A 132 22.48 0.46 -28.73
CA VAL A 132 22.79 1.43 -27.71
C VAL A 132 23.08 0.60 -26.46
N GLU A 133 24.16 0.94 -25.77
CA GLU A 133 24.55 0.23 -24.57
C GLU A 133 24.61 1.17 -23.39
N ASP A 134 24.74 0.60 -22.19
CA ASP A 134 24.83 1.40 -20.98
C ASP A 134 25.17 0.52 -19.79
N GLU A 135 26.46 0.28 -19.59
CA GLU A 135 26.93 -0.53 -18.47
C GLU A 135 26.05 -1.76 -18.25
N GLY A 136 26.27 -2.78 -19.07
CA GLY A 136 25.51 -4.01 -18.92
C GLY A 136 24.21 -4.07 -19.70
N ARG A 137 23.56 -2.93 -19.89
CA ARG A 137 22.30 -2.88 -20.62
C ARG A 137 22.53 -2.69 -22.10
N LEU A 138 21.63 -3.22 -22.91
CA LEU A 138 21.77 -3.10 -24.36
C LEU A 138 20.46 -3.29 -25.12
N ILE A 139 20.26 -2.44 -26.13
CA ILE A 139 19.07 -2.53 -26.97
C ILE A 139 19.50 -2.54 -28.43
N LYS A 140 19.19 -3.62 -29.13
CA LYS A 140 19.54 -3.75 -30.54
C LYS A 140 18.30 -3.62 -31.39
N ALA A 141 18.36 -2.75 -32.39
CA ALA A 141 17.25 -2.56 -33.29
C ALA A 141 17.71 -2.78 -34.72
N GLU A 142 16.91 -3.49 -35.49
CA GLU A 142 17.25 -3.73 -36.88
C GLU A 142 16.00 -3.77 -37.75
N PRO A 143 16.18 -3.72 -39.08
CA PRO A 143 15.08 -3.75 -40.05
C PRO A 143 14.13 -4.93 -39.89
N SER A 144 12.86 -4.68 -40.18
CA SER A 144 11.83 -5.71 -40.10
C SER A 144 10.55 -5.16 -40.68
N ASP A 145 9.80 -6.05 -41.31
CA ASP A 145 8.54 -5.71 -41.96
C ASP A 145 7.48 -5.45 -40.91
N THR A 146 7.50 -6.26 -39.86
CA THR A 146 6.54 -6.11 -38.78
C THR A 146 7.26 -5.67 -37.52
N LEU A 147 6.48 -5.37 -36.47
CA LEU A 147 7.05 -4.97 -35.20
C LEU A 147 7.34 -6.23 -34.39
N GLU A 148 8.59 -6.37 -33.98
CA GLU A 148 9.03 -7.51 -33.21
C GLU A 148 9.88 -6.98 -32.06
N VAL A 149 9.38 -7.15 -30.84
CA VAL A 149 10.10 -6.68 -29.66
C VAL A 149 10.39 -7.81 -28.68
N THR A 150 11.66 -7.95 -28.33
CA THR A 150 12.08 -8.98 -27.42
C THR A 150 12.85 -8.40 -26.25
N TYR A 151 12.38 -8.72 -25.04
CA TYR A 151 13.06 -8.25 -23.85
C TYR A 151 13.63 -9.44 -23.08
N GLU A 152 14.88 -9.31 -22.69
CA GLU A 152 15.53 -10.34 -21.91
C GLU A 152 16.03 -9.72 -20.62
N GLY A 153 15.44 -10.13 -19.51
CA GLY A 153 15.84 -9.58 -18.23
C GLY A 153 16.63 -10.56 -17.39
N GLU A 154 17.42 -10.02 -16.46
CA GLU A 154 18.20 -10.84 -15.55
C GLU A 154 17.90 -10.27 -14.18
N PHE A 155 17.11 -11.02 -13.42
CA PHE A 155 16.70 -10.58 -12.10
C PHE A 155 17.50 -11.15 -10.94
N LYS A 156 17.80 -10.29 -9.99
CA LYS A 156 18.54 -10.67 -8.80
C LYS A 156 17.75 -11.74 -8.06
N ASN A 157 16.43 -11.74 -8.26
CA ASN A 157 15.58 -12.69 -7.56
C ASN A 157 15.32 -14.03 -8.27
N PHE A 158 14.32 -14.75 -7.77
CA PHE A 158 13.94 -16.06 -8.28
C PHE A 158 13.53 -16.15 -9.75
N LEU A 159 13.10 -15.04 -10.35
CA LEU A 159 12.71 -15.04 -11.75
C LEU A 159 13.90 -15.40 -12.61
N GLY A 160 15.09 -15.26 -12.04
CA GLY A 160 16.30 -15.57 -12.78
C GLY A 160 16.35 -14.85 -14.10
N ARG A 161 16.68 -15.58 -15.15
CA ARG A 161 16.79 -14.97 -16.46
C ARG A 161 15.65 -15.45 -17.36
N GLN A 162 14.89 -14.50 -17.91
CA GLN A 162 13.77 -14.81 -18.79
C GLN A 162 13.72 -13.83 -19.95
N LYS A 163 13.09 -14.28 -21.03
CA LYS A 163 12.96 -13.44 -22.20
C LYS A 163 11.62 -13.70 -22.83
N PHE A 164 11.02 -12.66 -23.38
CA PHE A 164 9.73 -12.78 -24.03
C PHE A 164 9.75 -12.02 -25.35
N THR A 165 9.02 -12.52 -26.34
CA THR A 165 8.97 -11.86 -27.63
C THR A 165 7.56 -11.53 -28.08
N PHE A 166 7.37 -10.29 -28.47
CA PHE A 166 6.08 -9.83 -28.97
C PHE A 166 6.18 -9.67 -30.49
N VAL A 167 5.12 -10.06 -31.17
CA VAL A 167 5.05 -9.91 -32.62
C VAL A 167 3.65 -9.39 -32.85
N GLU A 168 3.47 -8.63 -33.93
CA GLU A 168 2.16 -8.08 -34.26
C GLU A 168 1.12 -9.19 -34.27
N GLY A 169 0.00 -8.94 -33.60
CA GLY A 169 -1.06 -9.93 -33.53
C GLY A 169 -1.12 -10.57 -32.16
N ASN A 170 -0.06 -10.43 -31.38
CA ASN A 170 -0.02 -11.00 -30.06
C ASN A 170 -0.23 -9.96 -28.97
N GLU A 171 -0.88 -8.85 -29.31
CA GLU A 171 -1.15 -7.76 -28.38
C GLU A 171 -1.70 -8.19 -27.02
N GLU A 172 -2.67 -9.08 -27.01
CA GLU A 172 -3.28 -9.53 -25.76
C GLU A 172 -2.33 -10.24 -24.80
N GLU A 173 -1.14 -10.60 -25.28
CA GLU A 173 -0.17 -11.29 -24.44
C GLU A 173 0.66 -10.36 -23.58
N ILE A 174 0.63 -9.07 -23.90
CA ILE A 174 1.40 -8.12 -23.15
C ILE A 174 0.59 -6.98 -22.55
N VAL A 175 -0.64 -6.77 -23.01
CA VAL A 175 -1.44 -5.68 -22.46
C VAL A 175 -1.92 -5.90 -21.03
N LEU A 176 -1.92 -7.14 -20.58
CA LEU A 176 -2.34 -7.47 -19.22
C LEU A 176 -1.17 -7.55 -18.23
N ALA A 177 0.06 -7.44 -18.73
CA ALA A 177 1.24 -7.51 -17.87
C ALA A 177 1.40 -6.23 -17.08
N ARG A 178 1.26 -6.35 -15.77
CA ARG A 178 1.35 -5.20 -14.88
C ARG A 178 2.74 -4.69 -14.53
N THR A 179 2.76 -3.50 -13.95
CA THR A 179 3.97 -2.84 -13.47
C THR A 179 4.46 -3.65 -12.27
N PHE A 180 5.76 -3.86 -12.19
CA PHE A 180 6.29 -4.63 -11.07
C PHE A 180 7.48 -3.91 -10.44
N ALA A 181 7.73 -4.22 -9.18
CA ALA A 181 8.85 -3.64 -8.44
C ALA A 181 9.29 -4.65 -7.41
N PHE A 182 10.54 -4.54 -6.98
CA PHE A 182 11.10 -5.41 -5.97
C PHE A 182 11.01 -4.73 -4.60
N ASP A 183 10.73 -5.52 -3.56
CA ASP A 183 10.60 -4.95 -2.23
C ASP A 183 11.79 -4.07 -1.87
N TRP A 184 12.99 -4.44 -2.34
CA TRP A 184 14.17 -3.65 -2.02
C TRP A 184 14.20 -2.30 -2.72
N GLU A 185 13.53 -2.18 -3.86
CA GLU A 185 13.46 -0.92 -4.61
C GLU A 185 12.58 0.12 -3.91
N ILE A 186 11.48 -0.35 -3.36
CA ILE A 186 10.48 0.49 -2.71
C ILE A 186 10.95 1.61 -1.79
N GLU A 187 11.80 1.29 -0.82
CA GLU A 187 12.26 2.32 0.11
C GLU A 187 12.92 3.47 -0.66
N HIS A 188 13.62 3.10 -1.74
CA HIS A 188 14.30 4.07 -2.57
C HIS A 188 13.31 4.90 -3.37
N ILE A 189 12.40 4.22 -4.04
CA ILE A 189 11.40 4.92 -4.83
C ILE A 189 10.64 5.90 -3.95
N LYS A 190 10.29 5.45 -2.74
CA LYS A 190 9.57 6.33 -1.81
C LYS A 190 10.42 7.53 -1.40
N LYS A 191 11.72 7.30 -1.21
CA LYS A 191 12.64 8.36 -0.81
C LYS A 191 12.79 9.48 -1.84
N VAL A 192 12.87 9.12 -3.11
CA VAL A 192 13.04 10.09 -4.20
C VAL A 192 11.75 10.77 -4.65
N GLY A 193 10.69 10.62 -3.86
CA GLY A 193 9.42 11.25 -4.18
C GLY A 193 8.50 10.54 -5.16
N LEU A 194 8.72 9.24 -5.37
CA LEU A 194 7.89 8.52 -6.32
C LEU A 194 7.02 7.47 -5.65
N GLY A 195 6.38 6.64 -6.47
CA GLY A 195 5.53 5.57 -5.97
C GLY A 195 4.50 5.95 -4.92
N LYS A 196 4.19 7.24 -4.82
CA LYS A 196 3.21 7.72 -3.84
C LYS A 196 1.84 7.09 -4.01
N GLY A 197 1.53 6.63 -5.22
CA GLY A 197 0.22 6.04 -5.45
C GLY A 197 0.28 4.54 -5.70
N GLY A 198 1.38 3.91 -5.35
CA GLY A 198 1.51 2.48 -5.59
C GLY A 198 0.99 1.57 -4.50
N SER A 199 0.29 0.53 -4.92
CA SER A 199 -0.26 -0.45 -3.98
C SER A 199 -0.17 -1.82 -4.63
N LEU A 200 -0.71 -2.83 -3.97
CA LEU A 200 -0.68 -4.16 -4.55
C LEU A 200 -1.80 -4.26 -5.58
N LYS A 201 -2.56 -3.18 -5.72
CA LYS A 201 -3.64 -3.16 -6.68
C LYS A 201 -3.20 -2.61 -8.04
N ASN A 202 -2.03 -2.00 -8.12
CA ASN A 202 -1.54 -1.47 -9.38
C ASN A 202 -0.08 -1.84 -9.62
N THR A 203 0.48 -2.58 -8.68
CA THR A 203 1.88 -2.98 -8.79
C THR A 203 2.06 -4.42 -8.34
N LEU A 204 2.98 -5.11 -8.99
CA LEU A 204 3.26 -6.47 -8.62
C LEU A 204 4.57 -6.41 -7.85
N VAL A 205 4.50 -6.69 -6.54
CA VAL A 205 5.70 -6.63 -5.73
C VAL A 205 6.34 -8.00 -5.56
N LEU A 206 7.64 -8.03 -5.84
CA LEU A 206 8.41 -9.25 -5.79
C LEU A 206 9.53 -9.18 -4.78
N GLY A 207 9.73 -10.27 -4.05
CA GLY A 207 10.79 -10.33 -3.06
C GLY A 207 11.91 -11.18 -3.64
N LYS A 208 12.90 -11.49 -2.83
CA LYS A 208 14.03 -12.32 -3.31
C LYS A 208 13.52 -13.71 -3.69
N ASP A 209 12.35 -14.09 -3.19
CA ASP A 209 11.82 -15.41 -3.45
C ASP A 209 10.32 -15.49 -3.26
N LYS A 210 9.67 -14.34 -3.12
CA LYS A 210 8.23 -14.34 -2.90
C LYS A 210 7.48 -13.34 -3.75
N VAL A 211 6.19 -13.56 -3.89
CA VAL A 211 5.32 -12.66 -4.63
C VAL A 211 4.34 -12.15 -3.59
N TYR A 212 4.48 -10.88 -3.23
CA TYR A 212 3.60 -10.31 -2.23
C TYR A 212 2.15 -10.31 -2.63
N ASN A 213 1.87 -10.00 -3.89
CA ASN A 213 0.49 -9.98 -4.34
C ASN A 213 -0.15 -11.33 -4.06
N PRO A 214 -1.29 -11.34 -3.37
CA PRO A 214 -1.93 -12.62 -3.08
C PRO A 214 -2.45 -13.26 -4.36
N GLU A 215 -2.77 -12.42 -5.35
CA GLU A 215 -3.28 -12.88 -6.63
C GLU A 215 -2.19 -13.62 -7.41
N GLY A 216 -0.93 -13.31 -7.12
CA GLY A 216 0.19 -13.94 -7.80
C GLY A 216 0.46 -13.30 -9.14
N LEU A 217 1.33 -13.94 -9.96
CA LEU A 217 1.66 -13.41 -11.30
C LEU A 217 0.58 -13.81 -12.31
N ARG A 218 0.43 -13.02 -13.37
CA ARG A 218 -0.57 -13.31 -14.41
C ARG A 218 0.05 -14.23 -15.48
N TYR A 219 1.38 -14.31 -15.50
CA TYR A 219 2.13 -15.16 -16.40
C TYR A 219 3.39 -15.47 -15.64
N GLU A 220 4.05 -16.59 -15.93
CA GLU A 220 5.27 -16.92 -15.21
C GLU A 220 6.35 -15.86 -15.49
N ASN A 221 6.18 -15.11 -16.58
CA ASN A 221 7.15 -14.10 -16.95
C ASN A 221 6.50 -12.73 -17.12
N GLU A 222 5.44 -12.47 -16.37
CA GLU A 222 4.73 -11.20 -16.46
C GLU A 222 5.68 -10.02 -16.43
N PRO A 223 6.78 -10.11 -15.65
CA PRO A 223 7.67 -8.95 -15.66
C PRO A 223 8.35 -8.65 -17.00
N VAL A 224 8.87 -9.65 -17.72
CA VAL A 224 9.51 -9.29 -18.99
C VAL A 224 8.48 -8.87 -20.02
N ARG A 225 7.29 -9.43 -19.92
CA ARG A 225 6.22 -9.08 -20.84
C ARG A 225 5.90 -7.61 -20.65
N HIS A 226 5.97 -7.16 -19.40
CA HIS A 226 5.69 -5.76 -19.12
C HIS A 226 6.80 -4.87 -19.64
N LYS A 227 8.02 -5.36 -19.58
CA LYS A 227 9.15 -4.59 -20.08
C LYS A 227 9.01 -4.42 -21.59
N VAL A 228 8.44 -5.43 -22.25
CA VAL A 228 8.21 -5.35 -23.70
C VAL A 228 7.15 -4.29 -23.91
N PHE A 229 6.08 -4.39 -23.14
CA PHE A 229 4.99 -3.42 -23.18
C PHE A 229 5.54 -1.99 -22.97
N ASP A 230 6.45 -1.82 -22.01
CA ASP A 230 7.01 -0.49 -21.77
C ASP A 230 7.80 0.00 -22.96
N LEU A 231 8.62 -0.88 -23.53
CA LEU A 231 9.45 -0.51 -24.68
C LEU A 231 8.61 -0.15 -25.90
N ILE A 232 7.50 -0.85 -26.11
CA ILE A 232 6.64 -0.54 -27.24
C ILE A 232 5.99 0.84 -27.04
N GLY A 233 5.79 1.23 -25.78
CA GLY A 233 5.22 2.53 -25.51
C GLY A 233 6.27 3.61 -25.76
N ASP A 234 7.49 3.36 -25.30
CA ASP A 234 8.56 4.32 -25.49
C ASP A 234 8.91 4.45 -26.96
N LEU A 235 8.75 3.38 -27.72
CA LEU A 235 9.06 3.43 -29.15
C LEU A 235 8.16 4.40 -29.88
N TYR A 236 6.92 4.51 -29.42
CA TYR A 236 5.98 5.40 -30.08
C TYR A 236 6.47 6.85 -30.07
N LEU A 237 7.44 7.14 -29.21
CA LEU A 237 7.98 8.49 -29.15
C LEU A 237 8.74 8.85 -30.43
N LEU A 238 8.78 7.91 -31.36
CA LEU A 238 9.44 8.13 -32.64
C LEU A 238 8.52 8.99 -33.50
N GLY A 239 7.28 9.13 -33.07
CA GLY A 239 6.34 9.95 -33.79
C GLY A 239 5.29 9.21 -34.59
N SER A 240 5.55 7.95 -34.91
CA SER A 240 4.60 7.17 -35.70
C SER A 240 4.78 5.68 -35.46
N PRO A 241 3.77 4.87 -35.82
CA PRO A 241 3.90 3.43 -35.62
C PRO A 241 5.23 2.93 -36.15
N VAL A 242 5.82 2.00 -35.43
CA VAL A 242 7.11 1.48 -35.83
C VAL A 242 7.07 0.06 -36.39
N LYS A 243 8.05 -0.21 -37.24
CA LYS A 243 8.26 -1.51 -37.85
C LYS A 243 9.75 -1.73 -37.68
N GLY A 244 10.11 -2.85 -37.07
CA GLY A 244 11.52 -3.15 -36.85
C GLY A 244 11.65 -4.24 -35.83
N LYS A 245 12.81 -4.91 -35.81
CA LYS A 245 13.06 -5.99 -34.86
C LYS A 245 13.89 -5.40 -33.73
N PHE A 246 13.34 -5.43 -32.52
CA PHE A 246 14.04 -4.89 -31.36
C PHE A 246 14.35 -5.95 -30.32
N TYR A 247 15.55 -5.89 -29.78
CA TYR A 247 15.96 -6.82 -28.74
C TYR A 247 16.57 -6.01 -27.62
N SER A 248 15.94 -6.06 -26.46
CA SER A 248 16.44 -5.32 -25.31
C SER A 248 16.95 -6.27 -24.24
N PHE A 249 18.16 -6.00 -23.76
CA PHE A 249 18.75 -6.81 -22.70
C PHE A 249 18.90 -5.94 -21.46
N ARG A 250 18.06 -6.20 -20.48
CA ARG A 250 18.07 -5.45 -19.23
C ARG A 250 17.75 -3.98 -19.49
N GLY A 251 17.00 -3.72 -20.56
CA GLY A 251 16.65 -2.35 -20.92
C GLY A 251 15.66 -1.67 -19.99
N GLY A 252 15.58 -0.36 -20.14
CA GLY A 252 14.69 0.45 -19.33
C GLY A 252 14.33 1.71 -20.07
N HIS A 253 13.51 2.56 -19.45
CA HIS A 253 13.07 3.80 -20.09
C HIS A 253 14.22 4.68 -20.57
N SER A 254 15.19 4.94 -19.72
CA SER A 254 16.32 5.79 -20.10
C SER A 254 16.96 5.25 -21.38
N LEU A 255 17.29 3.97 -21.37
CA LEU A 255 17.90 3.35 -22.53
C LEU A 255 16.91 3.30 -23.68
N ASN A 256 15.64 3.01 -23.37
CA ASN A 256 14.60 2.95 -24.41
C ASN A 256 14.55 4.30 -25.12
N VAL A 257 14.53 5.37 -24.34
CA VAL A 257 14.48 6.72 -24.88
C VAL A 257 15.76 7.07 -25.63
N LYS A 258 16.88 6.52 -25.19
CA LYS A 258 18.16 6.80 -25.84
C LYS A 258 18.16 6.13 -27.23
N LEU A 259 17.60 4.93 -27.32
CA LEU A 259 17.52 4.24 -28.59
C LEU A 259 16.70 5.07 -29.59
N VAL A 260 15.57 5.59 -29.13
CA VAL A 260 14.72 6.39 -29.99
C VAL A 260 15.45 7.63 -30.49
N LYS A 261 16.10 8.35 -29.59
CA LYS A 261 16.83 9.55 -30.00
C LYS A 261 17.85 9.20 -31.07
N GLU A 262 18.49 8.03 -30.93
CA GLU A 262 19.46 7.59 -31.92
C GLU A 262 18.76 7.29 -33.23
N LEU A 263 17.72 6.46 -33.17
CA LEU A 263 16.96 6.11 -34.37
C LEU A 263 16.48 7.38 -35.07
N ALA A 264 16.16 8.40 -34.27
CA ALA A 264 15.70 9.66 -34.82
C ALA A 264 16.81 10.31 -35.63
N LYS A 265 17.96 10.51 -34.99
CA LYS A 265 19.10 11.11 -35.66
C LYS A 265 19.36 10.54 -37.05
N LYS A 266 20.02 9.39 -37.10
CA LYS A 266 20.41 8.77 -38.36
C LYS A 266 19.36 8.14 -39.28
N GLN A 267 18.08 8.46 -39.10
CA GLN A 267 17.07 7.88 -39.97
C GLN A 267 15.87 8.79 -40.16
N GLY B 2 -8.93 7.45 41.52
CA GLY B 2 -9.49 7.99 40.26
C GLY B 2 -11.01 7.83 40.15
N LEU B 3 -11.63 8.79 39.47
CA LEU B 3 -13.07 8.75 39.27
C LEU B 3 -13.38 8.07 37.94
N GLU B 4 -14.56 7.49 37.82
CA GLU B 4 -14.96 6.87 36.58
C GLU B 4 -15.08 8.04 35.59
N LYS B 5 -14.88 7.77 34.31
CA LYS B 5 -14.97 8.84 33.32
C LYS B 5 -15.70 8.41 32.05
N THR B 6 -16.12 9.41 31.29
CA THR B 6 -16.79 9.19 30.03
C THR B 6 -16.39 10.36 29.14
N VAL B 7 -17.06 10.52 28.01
CA VAL B 7 -16.73 11.62 27.12
C VAL B 7 -17.76 12.72 27.20
N LYS B 8 -17.33 13.96 27.00
CA LYS B 8 -18.22 15.10 27.05
C LYS B 8 -19.27 15.01 25.96
N GLU B 9 -18.86 14.50 24.81
CA GLU B 9 -19.75 14.35 23.67
C GLU B 9 -19.31 13.18 22.81
N LYS B 10 -20.20 12.74 21.93
CA LYS B 10 -19.91 11.63 21.04
C LYS B 10 -18.75 11.99 20.12
N LEU B 11 -17.80 11.07 19.98
CA LEU B 11 -16.62 11.26 19.13
C LEU B 11 -16.65 10.31 17.94
N SER B 12 -16.22 10.80 16.79
CA SER B 12 -16.22 10.00 15.59
C SER B 12 -14.84 9.80 14.99
N PHE B 13 -14.61 8.55 14.57
CA PHE B 13 -13.36 8.16 13.93
C PHE B 13 -13.74 7.23 12.81
N GLU B 14 -13.16 7.45 11.64
CA GLU B 14 -13.46 6.59 10.51
C GLU B 14 -12.19 6.35 9.74
N GLY B 15 -12.19 5.29 8.95
CA GLY B 15 -11.04 4.95 8.17
C GLY B 15 -11.11 3.49 7.86
N VAL B 16 -10.12 2.99 7.14
CA VAL B 16 -10.08 1.58 6.77
C VAL B 16 -9.56 0.73 7.93
N GLY B 17 -10.03 -0.50 8.00
CA GLY B 17 -9.57 -1.43 9.02
C GLY B 17 -8.33 -2.11 8.44
N ILE B 18 -7.28 -2.25 9.25
CA ILE B 18 -6.05 -2.83 8.74
C ILE B 18 -6.16 -4.27 8.22
N HIS B 19 -7.08 -5.05 8.78
CA HIS B 19 -7.23 -6.42 8.32
C HIS B 19 -8.31 -6.65 7.27
N THR B 20 -9.47 -6.03 7.45
CA THR B 20 -10.57 -6.22 6.51
C THR B 20 -10.42 -5.45 5.21
N GLY B 21 -9.61 -4.39 5.26
CA GLY B 21 -9.42 -3.59 4.07
C GLY B 21 -10.68 -2.76 3.82
N GLU B 22 -11.71 -3.00 4.64
CA GLU B 22 -12.98 -2.29 4.52
C GLU B 22 -12.95 -0.97 5.29
N TYR B 23 -13.77 -0.03 4.87
CA TYR B 23 -13.87 1.27 5.53
C TYR B 23 -14.84 1.11 6.69
N SER B 24 -14.51 1.68 7.83
CA SER B 24 -15.38 1.59 8.99
C SER B 24 -15.40 2.88 9.78
N LYS B 25 -16.35 2.96 10.71
CA LYS B 25 -16.55 4.13 11.53
C LYS B 25 -16.86 3.78 12.98
N LEU B 26 -16.32 4.60 13.88
CA LEU B 26 -16.53 4.45 15.31
C LEU B 26 -17.27 5.65 15.82
N ILE B 27 -18.18 5.42 16.76
CA ILE B 27 -18.89 6.52 17.39
C ILE B 27 -18.85 6.22 18.88
N ILE B 28 -18.05 6.99 19.60
CA ILE B 28 -17.94 6.80 21.04
C ILE B 28 -19.03 7.60 21.72
N HIS B 29 -19.96 6.89 22.33
CA HIS B 29 -21.09 7.50 23.01
C HIS B 29 -20.93 7.50 24.50
N PRO B 30 -21.29 8.62 25.14
CA PRO B 30 -21.19 8.77 26.59
C PRO B 30 -22.16 7.84 27.31
N GLU B 31 -21.73 7.29 28.44
CA GLU B 31 -22.57 6.39 29.22
C GLU B 31 -22.44 6.80 30.68
N LYS B 32 -23.36 6.33 31.53
CA LYS B 32 -23.34 6.68 32.94
C LYS B 32 -22.44 5.77 33.77
N GLU B 33 -22.27 6.14 35.03
CA GLU B 33 -21.46 5.39 35.97
C GLU B 33 -21.84 3.91 35.96
N GLY B 34 -20.87 3.05 36.24
CA GLY B 34 -21.12 1.62 36.28
C GLY B 34 -21.53 0.95 34.98
N THR B 35 -21.58 1.70 33.89
CA THR B 35 -21.94 1.13 32.59
C THR B 35 -20.82 0.23 32.05
N GLY B 36 -19.58 0.70 32.19
CA GLY B 36 -18.44 -0.05 31.71
C GLY B 36 -18.16 0.31 30.25
N ILE B 37 -17.26 -0.43 29.64
CA ILE B 37 -16.91 -0.19 28.24
C ILE B 37 -17.50 -1.30 27.43
N ARG B 38 -18.29 -0.94 26.43
CA ARG B 38 -18.88 -1.95 25.55
C ARG B 38 -19.02 -1.47 24.12
N PHE B 39 -18.90 -2.41 23.20
CA PHE B 39 -19.02 -2.10 21.78
C PHE B 39 -20.45 -2.36 21.34
N PHE B 40 -20.85 -1.71 20.26
CA PHE B 40 -22.18 -1.89 19.73
C PHE B 40 -22.11 -2.09 18.22
N LYS B 41 -22.65 -3.21 17.77
CA LYS B 41 -22.69 -3.50 16.35
C LYS B 41 -23.96 -4.26 16.00
N ASN B 42 -24.61 -3.83 14.91
CA ASN B 42 -25.85 -4.45 14.44
C ASN B 42 -26.74 -4.92 15.58
N GLY B 43 -27.15 -3.99 16.44
CA GLY B 43 -28.03 -4.33 17.54
C GLY B 43 -27.46 -5.05 18.73
N VAL B 44 -26.22 -5.55 18.64
CA VAL B 44 -25.65 -6.25 19.79
C VAL B 44 -24.61 -5.46 20.56
N TYR B 45 -24.61 -5.64 21.89
CA TYR B 45 -23.64 -4.98 22.75
C TYR B 45 -22.59 -6.00 23.11
N ILE B 46 -21.34 -5.69 22.79
CA ILE B 46 -20.24 -6.58 23.09
C ILE B 46 -19.35 -5.94 24.15
N PRO B 47 -19.33 -6.52 25.36
CA PRO B 47 -18.52 -6.00 26.46
C PRO B 47 -17.03 -6.14 26.18
N ALA B 48 -16.26 -5.11 26.51
CA ALA B 48 -14.82 -5.17 26.30
C ALA B 48 -14.25 -6.03 27.44
N ARG B 49 -14.59 -7.32 27.40
CA ARG B 49 -14.14 -8.27 28.41
C ARG B 49 -13.58 -9.50 27.71
N HIS B 50 -12.70 -10.22 28.39
CA HIS B 50 -12.06 -11.41 27.81
C HIS B 50 -13.02 -12.52 27.40
N GLU B 51 -14.14 -12.63 28.10
CA GLU B 51 -15.11 -13.66 27.78
C GLU B 51 -15.59 -13.55 26.33
N PHE B 52 -15.42 -12.38 25.74
CA PHE B 52 -15.88 -12.16 24.37
C PHE B 52 -14.80 -12.17 23.29
N VAL B 53 -13.56 -12.50 23.66
CA VAL B 53 -12.48 -12.55 22.69
C VAL B 53 -12.72 -13.76 21.77
N VAL B 54 -12.55 -13.60 20.47
CA VAL B 54 -12.78 -14.73 19.56
C VAL B 54 -11.60 -14.99 18.63
N HIS B 55 -10.64 -14.08 18.64
CA HIS B 55 -9.47 -14.21 17.80
C HIS B 55 -8.34 -13.41 18.43
N THR B 56 -7.13 -13.96 18.36
CA THR B 56 -5.99 -13.27 18.94
C THR B 56 -4.76 -13.36 18.06
N ASN B 57 -4.99 -13.68 16.78
CA ASN B 57 -3.90 -13.77 15.82
C ASN B 57 -3.83 -12.48 15.04
N HIS B 58 -2.76 -11.71 15.23
CA HIS B 58 -2.57 -10.45 14.50
C HIS B 58 -3.47 -9.32 14.96
N SER B 59 -4.29 -9.59 15.96
CA SER B 59 -5.20 -8.58 16.50
C SER B 59 -6.06 -9.24 17.54
N THR B 60 -6.75 -8.42 18.32
CA THR B 60 -7.65 -8.98 19.31
C THR B 60 -9.06 -8.64 18.85
N ASP B 61 -9.86 -9.67 18.65
CA ASP B 61 -11.22 -9.50 18.19
C ASP B 61 -12.22 -9.97 19.24
N LEU B 62 -13.32 -9.22 19.34
CA LEU B 62 -14.38 -9.54 20.29
C LEU B 62 -15.63 -9.88 19.50
N GLY B 63 -16.43 -10.78 20.05
CA GLY B 63 -17.64 -11.18 19.38
C GLY B 63 -18.70 -11.63 20.35
N PHE B 64 -19.93 -11.69 19.86
CA PHE B 64 -21.04 -12.13 20.67
C PHE B 64 -22.31 -12.20 19.82
N LYS B 65 -23.04 -13.30 19.99
CA LYS B 65 -24.29 -13.51 19.27
C LYS B 65 -24.16 -13.25 17.77
N GLY B 66 -23.13 -13.81 17.15
CA GLY B 66 -22.94 -13.63 15.72
C GLY B 66 -22.35 -12.32 15.23
N GLN B 67 -21.98 -11.43 16.15
CA GLN B 67 -21.40 -10.16 15.77
C GLN B 67 -19.94 -10.11 16.20
N ARG B 68 -19.04 -9.85 15.26
CA ARG B 68 -17.62 -9.79 15.57
C ARG B 68 -17.04 -8.41 15.29
N ILE B 69 -16.06 -8.01 16.08
CA ILE B 69 -15.38 -6.73 15.89
C ILE B 69 -13.88 -6.98 15.99
N LYS B 70 -13.17 -6.74 14.89
CA LYS B 70 -11.74 -6.95 14.85
C LYS B 70 -10.91 -5.75 15.29
N THR B 71 -9.78 -6.06 15.94
CA THR B 71 -8.79 -5.08 16.39
C THR B 71 -9.30 -4.01 17.34
N VAL B 72 -9.69 -4.45 18.53
CA VAL B 72 -10.21 -3.53 19.54
C VAL B 72 -9.11 -3.02 20.47
N GLU B 73 -7.94 -3.63 20.35
CA GLU B 73 -6.80 -3.30 21.21
C GLU B 73 -6.30 -1.86 21.23
N HIS B 74 -6.23 -1.19 20.09
CA HIS B 74 -5.71 0.16 20.10
C HIS B 74 -6.64 1.18 20.77
N ILE B 75 -7.93 1.06 20.49
CA ILE B 75 -8.89 1.96 21.11
C ILE B 75 -8.96 1.59 22.59
N LEU B 76 -8.99 0.30 22.88
CA LEU B 76 -9.03 -0.14 24.27
C LEU B 76 -7.83 0.35 25.07
N SER B 77 -6.65 0.29 24.46
CA SER B 77 -5.42 0.74 25.11
C SER B 77 -5.53 2.22 25.45
N VAL B 78 -5.90 3.02 24.47
CA VAL B 78 -6.05 4.45 24.67
C VAL B 78 -7.08 4.72 25.76
N LEU B 79 -8.20 4.00 25.72
CA LEU B 79 -9.23 4.18 26.72
C LEU B 79 -8.68 3.82 28.09
N HIS B 80 -7.97 2.70 28.16
CA HIS B 80 -7.38 2.26 29.42
C HIS B 80 -6.40 3.31 29.95
N LEU B 81 -5.63 3.92 29.06
CA LEU B 81 -4.66 4.91 29.48
C LEU B 81 -5.27 6.22 29.99
N LEU B 82 -6.44 6.59 29.47
CA LEU B 82 -7.10 7.81 29.90
C LEU B 82 -8.13 7.55 30.99
N GLU B 83 -8.24 6.30 31.42
CA GLU B 83 -9.19 5.90 32.43
C GLU B 83 -10.66 6.16 32.09
N ILE B 84 -11.02 6.04 30.81
CA ILE B 84 -12.41 6.19 30.43
C ILE B 84 -13.03 4.86 30.80
N THR B 85 -14.03 4.86 31.69
CA THR B 85 -14.63 3.63 32.15
C THR B 85 -16.04 3.34 31.67
N ASN B 86 -16.72 4.36 31.14
CA ASN B 86 -18.08 4.15 30.68
C ASN B 86 -18.37 4.79 29.32
N VAL B 87 -18.47 3.96 28.30
CA VAL B 87 -18.79 4.41 26.95
C VAL B 87 -19.24 3.25 26.10
N THR B 88 -20.04 3.57 25.08
CA THR B 88 -20.51 2.58 24.14
C THR B 88 -19.80 2.90 22.85
N ILE B 89 -19.13 1.92 22.26
CA ILE B 89 -18.44 2.15 21.01
C ILE B 89 -19.25 1.55 19.88
N GLU B 90 -19.96 2.41 19.17
CA GLU B 90 -20.78 2.01 18.04
C GLU B 90 -19.86 1.74 16.85
N VAL B 91 -19.86 0.50 16.37
CA VAL B 91 -19.02 0.14 15.27
C VAL B 91 -19.77 -0.12 13.96
N ILE B 92 -19.42 0.65 12.95
CA ILE B 92 -20.01 0.50 11.64
C ILE B 92 -18.93 -0.17 10.82
N GLY B 93 -19.01 -1.49 10.73
CA GLY B 93 -18.01 -2.24 9.99
C GLY B 93 -17.70 -3.48 10.78
N ASN B 94 -16.58 -4.12 10.50
CA ASN B 94 -16.23 -5.32 11.23
C ASN B 94 -14.94 -5.14 11.99
N GLU B 95 -14.32 -3.99 11.83
CA GLU B 95 -13.05 -3.74 12.47
C GLU B 95 -12.91 -2.27 12.84
N ILE B 96 -12.16 -2.00 13.89
CA ILE B 96 -11.92 -0.62 14.32
C ILE B 96 -11.00 -0.03 13.28
N PRO B 97 -11.14 1.26 12.95
CA PRO B 97 -10.26 1.89 11.96
C PRO B 97 -8.84 1.86 12.53
N ILE B 98 -7.85 1.48 11.71
CA ILE B 98 -6.48 1.42 12.20
C ILE B 98 -5.86 2.81 12.24
N LEU B 99 -6.39 3.70 11.40
CA LEU B 99 -5.91 5.07 11.30
C LEU B 99 -4.42 5.06 10.95
N ASP B 100 -3.59 5.72 11.75
CA ASP B 100 -2.16 5.78 11.45
C ASP B 100 -1.39 4.60 12.04
N GLY B 101 -2.11 3.66 12.64
CA GLY B 101 -1.46 2.48 13.20
C GLY B 101 -1.14 2.57 14.69
N SER B 102 -1.22 3.76 15.27
CA SER B 102 -0.93 3.92 16.69
C SER B 102 -2.21 4.37 17.37
N GLY B 103 -2.10 4.96 18.54
CA GLY B 103 -3.28 5.44 19.24
C GLY B 103 -3.35 6.95 19.36
N TRP B 104 -2.52 7.65 18.57
CA TRP B 104 -2.46 9.11 18.60
C TRP B 104 -3.77 9.85 18.34
N GLU B 105 -4.36 9.62 17.18
CA GLU B 105 -5.62 10.27 16.83
C GLU B 105 -6.70 9.98 17.89
N PHE B 106 -6.71 8.76 18.42
CA PHE B 106 -7.68 8.35 19.45
C PHE B 106 -7.41 9.10 20.75
N TYR B 107 -6.14 9.08 21.13
CA TYR B 107 -5.69 9.72 22.35
C TYR B 107 -5.98 11.21 22.35
N GLU B 108 -5.50 11.91 21.33
CA GLU B 108 -5.72 13.35 21.23
C GLU B 108 -7.17 13.75 21.45
N ALA B 109 -8.06 13.19 20.63
CA ALA B 109 -9.48 13.46 20.70
C ALA B 109 -10.11 13.14 22.06
N ILE B 110 -9.99 11.89 22.50
CA ILE B 110 -10.56 11.48 23.77
C ILE B 110 -10.03 12.26 24.98
N ARG B 111 -8.73 12.54 24.96
CA ARG B 111 -8.07 13.27 26.05
C ARG B 111 -8.71 14.63 26.30
N LYS B 112 -8.90 15.38 25.22
CA LYS B 112 -9.51 16.70 25.30
C LYS B 112 -11.03 16.64 25.25
N ASN B 113 -11.61 15.62 25.90
CA ASN B 113 -13.05 15.45 25.93
C ASN B 113 -13.50 14.58 27.08
N ILE B 114 -12.66 14.47 28.10
CA ILE B 114 -12.99 13.65 29.24
C ILE B 114 -14.09 14.28 30.12
N LEU B 115 -14.80 13.42 30.84
CA LEU B 115 -15.86 13.86 31.75
C LEU B 115 -15.77 13.03 33.01
N ASN B 116 -15.28 13.64 34.09
CA ASN B 116 -15.20 12.90 35.35
C ASN B 116 -16.63 12.66 35.82
N GLN B 117 -16.85 11.49 36.39
CA GLN B 117 -18.18 11.14 36.86
C GLN B 117 -18.20 10.98 38.38
N ASN B 118 -19.31 10.49 38.92
CA ASN B 118 -19.43 10.35 40.36
C ASN B 118 -19.23 8.96 40.92
N ARG B 119 -17.99 8.49 40.85
CA ARG B 119 -17.67 7.18 41.37
C ARG B 119 -16.17 6.90 41.33
N GLU B 120 -15.65 6.34 42.41
CA GLU B 120 -14.24 6.00 42.49
C GLU B 120 -14.06 4.76 41.60
N ILE B 121 -13.07 4.81 40.72
CA ILE B 121 -12.81 3.69 39.84
C ILE B 121 -12.56 2.43 40.66
N ASP B 122 -13.21 1.35 40.25
CA ASP B 122 -13.03 0.07 40.92
C ASP B 122 -11.92 -0.66 40.16
N TYR B 123 -10.68 -0.28 40.42
CA TYR B 123 -9.54 -0.87 39.76
C TYR B 123 -9.37 -2.35 39.97
N PHE B 124 -8.88 -3.03 38.94
CA PHE B 124 -8.59 -4.45 39.05
C PHE B 124 -7.15 -4.45 39.54
N VAL B 125 -6.91 -5.02 40.71
CA VAL B 125 -5.57 -5.04 41.25
C VAL B 125 -4.96 -6.42 41.29
N VAL B 126 -3.71 -6.50 40.85
CA VAL B 126 -3.00 -7.78 40.87
C VAL B 126 -2.62 -8.00 42.32
N GLU B 127 -3.22 -9.01 42.92
CA GLU B 127 -2.97 -9.34 44.32
C GLU B 127 -1.76 -10.25 44.50
N GLU B 128 -1.73 -11.35 43.77
CA GLU B 128 -0.61 -12.27 43.87
C GLU B 128 0.09 -12.40 42.54
N PRO B 129 1.41 -12.68 42.56
CA PRO B 129 2.18 -12.83 41.33
C PRO B 129 1.52 -13.86 40.41
N ILE B 130 2.05 -14.00 39.21
CA ILE B 130 1.49 -14.94 38.25
C ILE B 130 2.28 -14.88 36.96
N ILE B 131 2.47 -16.05 36.34
CA ILE B 131 3.23 -16.11 35.09
C ILE B 131 2.58 -17.08 34.12
N VAL B 132 2.50 -16.66 32.86
CA VAL B 132 1.95 -17.51 31.82
C VAL B 132 3.07 -17.64 30.78
N GLU B 133 3.30 -18.86 30.32
CA GLU B 133 4.35 -19.11 29.33
C GLU B 133 3.74 -19.75 28.10
N ASP B 134 4.56 -19.83 27.05
CA ASP B 134 4.11 -20.43 25.81
C ASP B 134 5.27 -20.58 24.84
N GLU B 135 6.01 -21.67 24.98
CA GLU B 135 7.15 -21.96 24.10
C GLU B 135 7.99 -20.71 23.84
N GLY B 136 8.83 -20.35 24.79
CA GLY B 136 9.69 -19.19 24.63
C GLY B 136 9.10 -17.86 25.08
N ARG B 137 7.78 -17.71 24.99
CA ARG B 137 7.14 -16.47 25.39
C ARG B 137 6.74 -16.53 26.85
N LEU B 138 6.70 -15.37 27.49
CA LEU B 138 6.36 -15.30 28.90
C LEU B 138 5.88 -13.93 29.36
N ILE B 139 4.83 -13.92 30.19
CA ILE B 139 4.31 -12.68 30.73
C ILE B 139 4.18 -12.83 32.25
N LYS B 140 4.91 -11.99 32.99
CA LYS B 140 4.87 -12.03 34.44
C LYS B 140 4.12 -10.82 34.96
N ALA B 141 3.15 -11.07 35.84
CA ALA B 141 2.39 -9.99 36.43
C ALA B 141 2.46 -10.10 37.93
N GLU B 142 2.66 -8.96 38.60
CA GLU B 142 2.72 -8.94 40.05
C GLU B 142 2.12 -7.66 40.59
N PRO B 143 1.88 -7.62 41.91
CA PRO B 143 1.29 -6.46 42.59
C PRO B 143 2.05 -5.16 42.34
N SER B 144 1.28 -4.07 42.32
CA SER B 144 1.84 -2.75 42.13
C SER B 144 0.75 -1.71 42.33
N ASP B 145 1.15 -0.57 42.90
CA ASP B 145 0.25 0.53 43.18
C ASP B 145 -0.17 1.21 41.89
N THR B 146 0.78 1.34 40.97
CA THR B 146 0.52 1.97 39.70
C THR B 146 0.65 0.95 38.58
N LEU B 147 0.29 1.35 37.37
CA LEU B 147 0.39 0.47 36.21
C LEU B 147 1.80 0.60 35.66
N GLU B 148 2.48 -0.55 35.57
CA GLU B 148 3.83 -0.61 35.07
C GLU B 148 3.90 -1.79 34.08
N VAL B 149 4.12 -1.47 32.81
CA VAL B 149 4.20 -2.49 31.77
C VAL B 149 5.54 -2.45 31.06
N THR B 150 6.19 -3.61 31.01
CA THR B 150 7.47 -3.71 30.35
C THR B 150 7.48 -4.84 29.33
N TYR B 151 7.83 -4.49 28.11
CA TYR B 151 7.90 -5.48 27.05
C TYR B 151 9.33 -5.63 26.59
N GLU B 152 9.77 -6.88 26.46
CA GLU B 152 11.11 -7.17 26.00
C GLU B 152 10.98 -8.08 24.78
N GLY B 153 11.38 -7.56 23.63
CA GLY B 153 11.28 -8.35 22.42
C GLY B 153 12.63 -8.80 21.89
N GLU B 154 12.61 -9.88 21.13
CA GLU B 154 13.83 -10.41 20.53
C GLU B 154 13.48 -10.59 19.07
N PHE B 155 14.01 -9.70 18.24
CA PHE B 155 13.73 -9.71 16.81
C PHE B 155 14.79 -10.38 15.94
N LYS B 156 14.31 -11.16 14.99
CA LYS B 156 15.17 -11.87 14.06
C LYS B 156 16.00 -10.85 13.29
N ASN B 157 15.49 -9.63 13.18
CA ASN B 157 16.18 -8.59 12.43
C ASN B 157 17.15 -7.69 13.22
N PHE B 158 17.56 -6.60 12.59
CA PHE B 158 18.48 -5.63 13.15
C PHE B 158 18.11 -5.00 14.49
N LEU B 159 16.83 -4.96 14.83
CA LEU B 159 16.39 -4.38 16.10
C LEU B 159 16.99 -5.17 17.26
N GLY B 160 17.43 -6.39 16.96
CA GLY B 160 18.01 -7.23 17.98
C GLY B 160 17.10 -7.36 19.17
N ARG B 161 17.64 -7.18 20.37
CA ARG B 161 16.87 -7.30 21.58
C ARG B 161 16.69 -5.94 22.23
N GLN B 162 15.44 -5.56 22.48
CA GLN B 162 15.14 -4.28 23.11
C GLN B 162 14.00 -4.44 24.11
N LYS B 163 13.94 -3.52 25.06
CA LYS B 163 12.89 -3.56 26.05
C LYS B 163 12.51 -2.13 26.38
N PHE B 164 11.23 -1.92 26.66
CA PHE B 164 10.74 -0.60 27.01
C PHE B 164 9.79 -0.74 28.19
N THR B 165 9.77 0.29 29.04
CA THR B 165 8.90 0.28 30.20
C THR B 165 7.98 1.49 30.27
N PHE B 166 6.70 1.21 30.46
CA PHE B 166 5.70 2.27 30.57
C PHE B 166 5.30 2.37 32.04
N VAL B 167 5.10 3.60 32.51
CA VAL B 167 4.66 3.84 33.87
C VAL B 167 3.63 4.94 33.72
N GLU B 168 2.65 4.96 34.63
CA GLU B 168 1.58 5.96 34.58
C GLU B 168 2.22 7.34 34.46
N GLY B 169 1.70 8.15 33.54
CA GLY B 169 2.23 9.49 33.34
C GLY B 169 3.04 9.59 32.07
N ASN B 170 3.49 8.46 31.57
CA ASN B 170 4.29 8.43 30.35
C ASN B 170 3.47 8.01 29.13
N GLU B 171 2.17 8.21 29.18
CA GLU B 171 1.27 7.86 28.08
C GLU B 171 1.73 8.28 26.69
N GLU B 172 2.17 9.53 26.57
CA GLU B 172 2.61 10.06 25.28
C GLU B 172 3.81 9.34 24.67
N GLU B 173 4.47 8.49 25.45
CA GLU B 173 5.63 7.76 24.96
C GLU B 173 5.26 6.49 24.22
N ILE B 174 4.03 6.04 24.35
CA ILE B 174 3.60 4.84 23.67
C ILE B 174 2.38 5.02 22.77
N VAL B 175 1.66 6.12 22.89
CA VAL B 175 0.48 6.30 22.05
C VAL B 175 0.80 6.57 20.58
N LEU B 176 2.02 7.02 20.31
CA LEU B 176 2.43 7.31 18.94
C LEU B 176 3.13 6.13 18.28
N ALA B 177 3.38 5.06 19.03
CA ALA B 177 4.06 3.89 18.48
C ALA B 177 3.12 3.10 17.59
N ARG B 178 3.44 3.06 16.30
CA ARG B 178 2.61 2.36 15.32
C ARG B 178 2.75 0.84 15.25
N THR B 179 1.79 0.25 14.55
CA THR B 179 1.73 -1.18 14.29
C THR B 179 2.90 -1.49 13.34
N PHE B 180 3.58 -2.59 13.58
CA PHE B 180 4.69 -2.94 12.72
C PHE B 180 4.62 -4.40 12.29
N ALA B 181 5.25 -4.69 11.17
CA ALA B 181 5.30 -6.05 10.65
C ALA B 181 6.59 -6.19 9.85
N PHE B 182 7.04 -7.43 9.73
CA PHE B 182 8.23 -7.77 8.96
C PHE B 182 7.86 -8.18 7.54
N ASP B 183 8.66 -7.76 6.58
CA ASP B 183 8.38 -8.10 5.19
C ASP B 183 8.11 -9.60 5.00
N TRP B 184 8.79 -10.44 5.77
CA TRP B 184 8.57 -11.88 5.64
C TRP B 184 7.20 -12.34 6.15
N GLU B 185 6.63 -11.60 7.10
CA GLU B 185 5.31 -11.92 7.66
C GLU B 185 4.19 -11.67 6.66
N ILE B 186 4.29 -10.56 5.94
CA ILE B 186 3.30 -10.12 4.98
C ILE B 186 2.64 -11.14 4.05
N GLU B 187 3.43 -11.92 3.32
CA GLU B 187 2.86 -12.90 2.41
C GLU B 187 1.92 -13.85 3.18
N HIS B 188 2.29 -14.17 4.41
CA HIS B 188 1.51 -15.03 5.27
C HIS B 188 0.23 -14.34 5.70
N ILE B 189 0.36 -13.14 6.23
CA ILE B 189 -0.80 -12.40 6.68
C ILE B 189 -1.79 -12.25 5.54
N LYS B 190 -1.28 -11.96 4.35
CA LYS B 190 -2.14 -11.81 3.18
C LYS B 190 -2.83 -13.13 2.83
N LYS B 191 -2.09 -14.24 2.96
CA LYS B 191 -2.63 -15.57 2.67
C LYS B 191 -3.79 -15.97 3.57
N VAL B 192 -3.69 -15.68 4.86
CA VAL B 192 -4.72 -16.06 5.82
C VAL B 192 -5.92 -15.11 5.89
N GLY B 193 -6.03 -14.23 4.90
CA GLY B 193 -7.14 -13.28 4.83
C GLY B 193 -7.03 -12.01 5.65
N LEU B 194 -5.83 -11.65 6.09
CA LEU B 194 -5.67 -10.46 6.89
C LEU B 194 -4.91 -9.34 6.19
N GLY B 195 -4.53 -8.32 6.94
CA GLY B 195 -3.78 -7.21 6.38
C GLY B 195 -4.31 -6.62 5.09
N LYS B 196 -5.58 -6.86 4.77
CA LYS B 196 -6.18 -6.33 3.54
C LYS B 196 -6.18 -4.82 3.46
N GLY B 197 -6.09 -4.16 4.60
CA GLY B 197 -6.09 -2.71 4.60
C GLY B 197 -4.78 -2.10 5.04
N GLY B 198 -3.71 -2.90 5.04
CA GLY B 198 -2.41 -2.41 5.46
C GLY B 198 -1.54 -1.74 4.41
N SER B 199 -0.96 -0.61 4.77
CA SER B 199 -0.09 0.12 3.86
C SER B 199 1.06 0.71 4.67
N LEU B 200 1.92 1.49 4.02
CA LEU B 200 3.02 2.10 4.75
C LEU B 200 2.48 3.31 5.51
N LYS B 201 1.20 3.57 5.34
CA LYS B 201 0.56 4.69 6.02
C LYS B 201 -0.04 4.32 7.37
N ASN B 202 -0.17 3.02 7.64
CA ASN B 202 -0.73 2.57 8.91
C ASN B 202 0.11 1.45 9.51
N THR B 203 1.17 1.07 8.82
CA THR B 203 2.02 0.00 9.29
C THR B 203 3.49 0.35 9.06
N LEU B 204 4.33 -0.09 9.99
CA LEU B 204 5.75 0.15 9.88
C LEU B 204 6.33 -1.18 9.41
N VAL B 205 6.80 -1.23 8.17
CA VAL B 205 7.36 -2.46 7.64
C VAL B 205 8.88 -2.51 7.80
N LEU B 206 9.34 -3.60 8.38
CA LEU B 206 10.75 -3.81 8.65
C LEU B 206 11.29 -5.02 7.92
N GLY B 207 12.51 -4.89 7.40
CA GLY B 207 13.16 -5.97 6.69
C GLY B 207 14.22 -6.53 7.62
N LYS B 208 15.04 -7.45 7.12
CA LYS B 208 16.11 -8.04 7.93
C LYS B 208 17.12 -6.97 8.35
N ASP B 209 17.11 -5.84 7.64
CA ASP B 209 18.06 -4.78 7.94
C ASP B 209 17.62 -3.43 7.40
N LYS B 210 16.37 -3.33 6.98
CA LYS B 210 15.87 -2.07 6.44
C LYS B 210 14.50 -1.66 6.97
N VAL B 211 14.22 -0.37 6.84
CA VAL B 211 12.93 0.17 7.24
C VAL B 211 12.30 0.68 5.96
N TYR B 212 11.26 -0.02 5.49
CA TYR B 212 10.61 0.37 4.25
C TYR B 212 10.00 1.73 4.29
N ASN B 213 9.37 2.07 5.41
CA ASN B 213 8.75 3.38 5.52
C ASN B 213 9.80 4.45 5.27
N PRO B 214 9.51 5.39 4.35
CA PRO B 214 10.49 6.44 4.08
C PRO B 214 10.61 7.37 5.26
N GLU B 215 9.54 7.45 6.05
CA GLU B 215 9.52 8.31 7.24
C GLU B 215 10.45 7.75 8.32
N GLY B 216 10.68 6.44 8.29
CA GLY B 216 11.53 5.81 9.29
C GLY B 216 10.78 5.52 10.57
N LEU B 217 11.50 5.13 11.63
CA LEU B 217 10.89 4.84 12.93
C LEU B 217 10.65 6.12 13.71
N ARG B 218 9.66 6.12 14.62
CA ARG B 218 9.35 7.29 15.44
C ARG B 218 10.18 7.29 16.71
N TYR B 219 10.73 6.13 17.05
CA TYR B 219 11.60 5.95 18.21
C TYR B 219 12.51 4.80 17.79
N GLU B 220 13.71 4.72 18.37
CA GLU B 220 14.60 3.64 18.01
C GLU B 220 14.00 2.30 18.39
N ASN B 221 13.03 2.32 19.29
CA ASN B 221 12.40 1.08 19.74
C ASN B 221 10.88 1.13 19.58
N GLU B 222 10.41 1.87 18.58
CA GLU B 222 8.98 2.01 18.35
C GLU B 222 8.26 0.66 18.42
N PRO B 223 8.90 -0.42 17.91
CA PRO B 223 8.20 -1.70 17.98
C PRO B 223 7.89 -2.21 19.39
N VAL B 224 8.85 -2.18 20.31
CA VAL B 224 8.51 -2.67 21.66
C VAL B 224 7.54 -1.74 22.37
N ARG B 225 7.64 -0.44 22.08
CA ARG B 225 6.73 0.52 22.68
C ARG B 225 5.32 0.18 22.24
N HIS B 226 5.19 -0.27 20.99
CA HIS B 226 3.87 -0.61 20.49
C HIS B 226 3.37 -1.88 21.13
N LYS B 227 4.26 -2.81 21.42
CA LYS B 227 3.89 -4.05 22.06
C LYS B 227 3.39 -3.75 23.49
N VAL B 228 3.92 -2.71 24.10
CA VAL B 228 3.50 -2.33 25.43
C VAL B 228 2.10 -1.77 25.26
N PHE B 229 1.95 -0.89 24.28
CA PHE B 229 0.66 -0.28 23.98
C PHE B 229 -0.38 -1.39 23.74
N ASP B 230 -0.01 -2.43 22.98
CA ASP B 230 -0.95 -3.52 22.71
C ASP B 230 -1.34 -4.25 23.98
N LEU B 231 -0.36 -4.51 24.82
CA LEU B 231 -0.62 -5.22 26.07
C LEU B 231 -1.52 -4.42 27.00
N ILE B 232 -1.34 -3.11 27.02
CA ILE B 232 -2.17 -2.26 27.88
C ILE B 232 -3.61 -2.27 27.39
N GLY B 233 -3.80 -2.43 26.08
CA GLY B 233 -5.13 -2.49 25.54
C GLY B 233 -5.76 -3.83 25.89
N ASP B 234 -4.98 -4.90 25.77
CA ASP B 234 -5.48 -6.24 26.07
C ASP B 234 -5.79 -6.37 27.56
N LEU B 235 -5.03 -5.68 28.39
CA LEU B 235 -5.25 -5.75 29.83
C LEU B 235 -6.61 -5.21 30.20
N TYR B 236 -7.07 -4.20 29.48
CA TYR B 236 -8.37 -3.61 29.78
C TYR B 236 -9.50 -4.63 29.70
N LEU B 237 -9.24 -5.77 29.06
CA LEU B 237 -10.25 -6.81 28.94
C LEU B 237 -10.57 -7.42 30.32
N LEU B 238 -9.87 -6.94 31.34
CA LEU B 238 -10.07 -7.41 32.71
C LEU B 238 -11.37 -6.78 33.23
N GLY B 239 -11.89 -5.80 32.49
CA GLY B 239 -13.12 -5.16 32.89
C GLY B 239 -12.99 -3.79 33.50
N SER B 240 -11.82 -3.47 34.03
CA SER B 240 -11.63 -2.16 34.66
C SER B 240 -10.16 -1.75 34.67
N PRO B 241 -9.88 -0.46 34.87
CA PRO B 241 -8.48 -0.01 34.90
C PRO B 241 -7.63 -0.92 35.78
N VAL B 242 -6.43 -1.21 35.32
CA VAL B 242 -5.55 -2.09 36.06
C VAL B 242 -4.41 -1.38 36.76
N LYS B 243 -3.94 -2.03 37.82
CA LYS B 243 -2.83 -1.58 38.63
C LYS B 243 -2.04 -2.88 38.83
N GLY B 244 -0.77 -2.86 38.47
CA GLY B 244 0.06 -4.04 38.61
C GLY B 244 1.31 -3.89 37.78
N LYS B 245 2.35 -4.65 38.12
CA LYS B 245 3.61 -4.60 37.40
C LYS B 245 3.62 -5.77 36.40
N PHE B 246 3.69 -5.45 35.12
CA PHE B 246 3.70 -6.48 34.10
C PHE B 246 4.97 -6.50 33.30
N TYR B 247 5.48 -7.70 33.04
CA TYR B 247 6.68 -7.86 32.25
C TYR B 247 6.40 -8.92 31.20
N SER B 248 6.47 -8.52 29.95
CA SER B 248 6.22 -9.46 28.87
C SER B 248 7.49 -9.71 28.09
N PHE B 249 7.79 -10.98 27.86
CA PHE B 249 8.94 -11.36 27.08
C PHE B 249 8.46 -12.05 25.80
N ARG B 250 8.57 -11.34 24.68
CA ARG B 250 8.14 -11.85 23.37
C ARG B 250 6.64 -12.14 23.38
N GLY B 251 5.91 -11.40 24.22
CA GLY B 251 4.47 -11.57 24.33
C GLY B 251 3.67 -11.11 23.12
N GLY B 252 2.43 -11.57 23.07
CA GLY B 252 1.53 -11.21 21.98
C GLY B 252 0.10 -11.27 22.46
N HIS B 253 -0.84 -10.98 21.57
CA HIS B 253 -2.25 -10.98 21.95
C HIS B 253 -2.72 -12.28 22.58
N SER B 254 -2.43 -13.41 21.94
CA SER B 254 -2.84 -14.71 22.47
C SER B 254 -2.41 -14.87 23.92
N LEU B 255 -1.12 -14.64 24.15
CA LEU B 255 -0.57 -14.75 25.47
C LEU B 255 -1.12 -13.63 26.36
N ASN B 256 -1.24 -12.43 25.80
CA ASN B 256 -1.78 -11.31 26.57
C ASN B 256 -3.17 -11.68 27.09
N VAL B 257 -3.98 -12.24 26.19
CA VAL B 257 -5.33 -12.64 26.54
C VAL B 257 -5.33 -13.82 27.51
N LYS B 258 -4.33 -14.68 27.40
CA LYS B 258 -4.25 -15.82 28.29
C LYS B 258 -3.94 -15.34 29.72
N LEU B 259 -3.07 -14.34 29.83
CA LEU B 259 -2.74 -13.79 31.13
C LEU B 259 -4.00 -13.23 31.80
N VAL B 260 -4.78 -12.48 31.03
CA VAL B 260 -6.01 -11.88 31.55
C VAL B 260 -6.96 -12.95 32.06
N LYS B 261 -7.19 -13.98 31.26
CA LYS B 261 -8.09 -15.07 31.67
C LYS B 261 -7.59 -15.67 32.99
N GLU B 262 -6.29 -15.78 33.16
CA GLU B 262 -5.72 -16.32 34.38
C GLU B 262 -5.97 -15.35 35.53
N LEU B 263 -5.60 -14.09 35.33
CA LEU B 263 -5.81 -13.08 36.35
C LEU B 263 -7.26 -13.04 36.75
N ALA B 264 -8.15 -13.31 35.79
CA ALA B 264 -9.59 -13.32 36.05
C ALA B 264 -9.93 -14.45 37.00
N LYS B 265 -9.56 -15.67 36.64
CA LYS B 265 -9.81 -16.84 37.47
C LYS B 265 -9.46 -16.51 38.93
N LYS B 266 -8.17 -16.37 39.21
CA LYS B 266 -7.69 -16.04 40.55
C LYS B 266 -8.55 -14.94 41.21
N GLN B 267 -8.12 -13.69 41.09
CA GLN B 267 -8.86 -12.58 41.68
C GLN B 267 -10.25 -12.45 41.06
#